data_7V3S
#
_entry.id   7V3S
#
_cell.length_a   42.999
_cell.length_b   80.397
_cell.length_c   91.047
_cell.angle_alpha   90.000
_cell.angle_beta   90.000
_cell.angle_gamma   90.000
#
_symmetry.space_group_name_H-M   'P 21 21 21'
#
loop_
_entity.id
_entity.type
_entity.pdbx_description
1 polymer 'Hepatocyte growth factor receptor'
2 non-polymer "~{N}1'-[3-fluoranyl-4-(10~{H}-pyrido[3,2-b][1,4]benzoxazin-4-yloxy)phenyl]-~{N}1-(4-fluorophenyl)cyclopropane-1,1-dicarboxamide"
3 water water
#
_entity_poly.entity_id   1
_entity_poly.type   'polypeptide(L)'
_entity_poly.pdbx_seq_one_letter_code
;MGSSHHHHHHGDSDISSPLLQNTVHIDLSALNPELVQAVQHVVIGPSSLIVHFNEVIGRGHFGCVYHGTLLDNDGKKIHC
AVKSLNRITDIGEVSQFLTEGIIMKDFSHPNVLSLLGICLRSEGSPLVVLPYMKHGDLRNFIRNETHNPTVKDLIGFGLQ
VAKGMKYLASKKFVHRDLAARNCMLDEKFTVKVADFGLARDMYDKEYYSVHNKTGAKLPVKWMALESLQTQKFTTKSDVW
SFGVLLWELMTRGAPPYPDVNTFDITVYLLQGRRLLQPEYCPDPLYEVMLKCWHPKAEMRPSFSELVSRISAIFSTFIG
;
_entity_poly.pdbx_strand_id   A
#
loop_
_chem_comp.id
_chem_comp.type
_chem_comp.name
_chem_comp.formula
5I9 non-polymer ~{N}1'-[3-fluoranyl-4-(10~{H}-pyrido[3,2-b][1,4]benzoxazin-4-yloxy)phenyl]-~{N}1-(4-fluorophenyl)cyclopropane-1,1-dicarboxamide 'C28 H20 F2 N4 O4'
#
# COMPACT_ATOMS: atom_id res chain seq x y z
N ILE A 26 5.38 25.94 -8.96
CA ILE A 26 6.18 25.08 -9.82
C ILE A 26 6.07 25.59 -11.27
N ASP A 27 7.08 25.29 -12.08
CA ASP A 27 7.08 25.64 -13.49
C ASP A 27 6.79 24.38 -14.29
N LEU A 28 5.54 24.23 -14.72
CA LEU A 28 5.15 23.03 -15.47
C LEU A 28 5.98 22.84 -16.73
N SER A 29 6.47 23.93 -17.33
CA SER A 29 7.24 23.81 -18.57
C SER A 29 8.53 23.03 -18.39
N ALA A 30 9.06 22.96 -17.17
CA ALA A 30 10.29 22.22 -16.92
C ALA A 30 10.06 20.73 -16.73
N LEU A 31 8.81 20.30 -16.58
CA LEU A 31 8.52 18.90 -16.34
C LEU A 31 8.40 18.13 -17.65
N ASN A 32 8.42 16.81 -17.53
CA ASN A 32 8.26 15.95 -18.69
C ASN A 32 6.89 16.19 -19.33
N PRO A 33 6.83 16.50 -20.63
CA PRO A 33 5.52 16.84 -21.23
C PRO A 33 4.52 15.70 -21.20
N GLU A 34 4.96 14.44 -21.31
CA GLU A 34 4.03 13.33 -21.19
C GLU A 34 3.46 13.23 -19.78
N LEU A 35 4.28 13.54 -18.77
CA LEU A 35 3.79 13.55 -17.40
C LEU A 35 2.75 14.65 -17.21
N VAL A 36 3.03 15.85 -17.70
CA VAL A 36 2.11 16.97 -17.53
C VAL A 36 0.78 16.67 -18.22
N GLN A 37 0.83 16.08 -19.41
CA GLN A 37 -0.40 15.73 -20.12
C GLN A 37 -1.23 14.73 -19.33
N ALA A 38 -0.57 13.75 -18.71
CA ALA A 38 -1.29 12.78 -17.89
C ALA A 38 -1.93 13.47 -16.69
N VAL A 39 -1.21 14.43 -16.08
CA VAL A 39 -1.75 15.14 -14.92
C VAL A 39 -3.00 15.94 -15.31
N GLN A 40 -2.98 16.58 -16.48
CA GLN A 40 -4.11 17.41 -16.90
C GLN A 40 -5.37 16.57 -17.13
N HIS A 41 -5.22 15.29 -17.48
CA HIS A 41 -6.39 14.43 -17.64
C HIS A 41 -7.06 14.09 -16.32
N VAL A 42 -6.40 14.33 -15.18
CA VAL A 42 -7.00 14.03 -13.88
C VAL A 42 -6.98 15.28 -13.00
N VAL A 43 -6.97 16.46 -13.61
CA VAL A 43 -6.77 17.69 -12.85
C VAL A 43 -8.04 18.03 -12.07
N ILE A 44 -7.86 18.55 -10.86
CA ILE A 44 -8.92 19.12 -10.06
C ILE A 44 -8.69 20.62 -9.97
N GLY A 45 -9.70 21.41 -10.33
CA GLY A 45 -9.62 22.84 -10.21
C GLY A 45 -9.41 23.25 -8.77
N PRO A 46 -8.56 24.25 -8.53
CA PRO A 46 -8.28 24.65 -7.14
C PRO A 46 -9.52 25.08 -6.37
N SER A 47 -10.48 25.72 -7.04
CA SER A 47 -11.67 26.18 -6.33
C SER A 47 -12.60 25.04 -5.93
N SER A 48 -12.40 23.83 -6.45
CA SER A 48 -13.24 22.70 -6.07
C SER A 48 -12.70 21.96 -4.86
N LEU A 49 -11.53 22.33 -4.35
CA LEU A 49 -10.87 21.61 -3.28
C LEU A 49 -10.63 22.55 -2.12
N ILE A 50 -11.11 22.16 -0.94
CA ILE A 50 -10.81 22.89 0.30
C ILE A 50 -9.91 22.01 1.13
N VAL A 51 -8.70 22.48 1.37
CA VAL A 51 -7.74 21.75 2.20
C VAL A 51 -7.87 22.24 3.63
N HIS A 52 -8.09 21.32 4.56
CA HIS A 52 -8.22 21.68 5.97
C HIS A 52 -6.83 21.55 6.60
N PHE A 53 -6.05 22.63 6.47
CA PHE A 53 -4.68 22.62 6.97
C PHE A 53 -4.62 22.43 8.47
N ASN A 54 -5.71 22.76 9.19
CA ASN A 54 -5.82 22.56 10.62
CA ASN A 54 -5.73 22.54 10.62
C ASN A 54 -6.01 21.09 11.00
N GLU A 55 -6.38 20.25 10.04
CA GLU A 55 -6.71 18.84 10.28
C GLU A 55 -5.67 17.97 9.57
N VAL A 56 -4.57 17.70 10.26
CA VAL A 56 -3.45 17.00 9.65
C VAL A 56 -3.60 15.51 9.90
N ILE A 57 -3.45 14.72 8.83
CA ILE A 57 -3.43 13.27 8.97
C ILE A 57 -2.02 12.77 9.28
N GLY A 58 -1.00 13.31 8.63
CA GLY A 58 0.37 12.97 8.98
C GLY A 58 1.36 13.94 8.36
N ARG A 59 2.56 13.96 8.94
CA ARG A 59 3.69 14.74 8.41
C ARG A 59 4.94 13.87 8.38
N GLY A 60 5.64 13.90 7.25
CA GLY A 60 6.93 13.22 7.14
C GLY A 60 8.04 14.15 6.68
N HIS A 61 9.20 13.60 6.32
CA HIS A 61 10.29 14.45 5.86
C HIS A 61 9.99 15.08 4.51
N PHE A 62 9.39 14.31 3.59
CA PHE A 62 9.17 14.78 2.23
C PHE A 62 7.76 15.29 1.97
N GLY A 63 6.77 14.85 2.73
CA GLY A 63 5.40 15.24 2.45
C GLY A 63 4.56 15.27 3.69
N CYS A 64 3.26 15.55 3.49
CA CYS A 64 2.29 15.60 4.56
C CYS A 64 0.92 15.34 3.96
N VAL A 65 -0.04 15.02 4.81
CA VAL A 65 -1.39 14.67 4.36
C VAL A 65 -2.41 15.38 5.24
N TYR A 66 -3.39 16.01 4.61
CA TYR A 66 -4.44 16.76 5.28
C TYR A 66 -5.81 16.16 4.96
N HIS A 67 -6.76 16.40 5.84
CA HIS A 67 -8.16 16.22 5.49
C HIS A 67 -8.57 17.29 4.47
N GLY A 68 -9.46 16.90 3.57
CA GLY A 68 -9.96 17.85 2.59
C GLY A 68 -11.41 17.59 2.26
N THR A 69 -12.01 18.58 1.60
CA THR A 69 -13.36 18.49 1.07
C THR A 69 -13.30 18.79 -0.41
N LEU A 70 -13.70 17.82 -1.23
CA LEU A 70 -13.78 17.97 -2.67
C LEU A 70 -15.23 18.18 -3.06
N LEU A 71 -15.51 19.20 -3.87
CA LEU A 71 -16.85 19.45 -4.38
C LEU A 71 -16.93 18.99 -5.82
N ASP A 72 -17.93 18.15 -6.13
CA ASP A 72 -18.16 17.77 -7.52
C ASP A 72 -18.99 18.84 -8.21
N ASN A 73 -19.37 18.59 -9.47
CA ASN A 73 -20.11 19.58 -10.25
C ASN A 73 -21.47 19.91 -9.66
N ASP A 74 -22.04 19.01 -8.85
CA ASP A 74 -23.35 19.22 -8.24
C ASP A 74 -23.26 19.88 -6.87
N GLY A 75 -22.06 20.16 -6.38
CA GLY A 75 -21.91 20.72 -5.05
C GLY A 75 -21.86 19.70 -3.94
N LYS A 76 -21.86 18.41 -4.27
CA LYS A 76 -21.77 17.38 -3.24
C LYS A 76 -20.35 17.36 -2.66
N LYS A 77 -20.26 17.30 -1.33
CA LYS A 77 -18.99 17.32 -0.64
C LYS A 77 -18.47 15.89 -0.49
N ILE A 78 -17.21 15.70 -0.87
CA ILE A 78 -16.54 14.41 -0.80
C ILE A 78 -15.39 14.55 0.19
N HIS A 79 -15.41 13.74 1.25
CA HIS A 79 -14.31 13.71 2.20
C HIS A 79 -13.10 13.06 1.56
N CYS A 80 -11.97 13.75 1.55
CA CYS A 80 -10.78 13.22 0.91
C CYS A 80 -9.57 13.43 1.79
N ALA A 81 -8.49 12.72 1.45
CA ALA A 81 -7.17 12.99 2.00
C ALA A 81 -6.36 13.72 0.93
N VAL A 82 -5.61 14.73 1.35
CA VAL A 82 -4.89 15.59 0.42
C VAL A 82 -3.41 15.49 0.73
N LYS A 83 -2.64 14.93 -0.20
CA LYS A 83 -1.22 14.68 -0.01
C LYS A 83 -0.42 15.78 -0.68
N SER A 84 0.60 16.27 0.01
CA SER A 84 1.37 17.43 -0.44
C SER A 84 2.85 17.17 -0.23
N LEU A 85 3.67 17.83 -1.05
CA LEU A 85 5.09 17.92 -0.77
C LEU A 85 5.35 19.03 0.26
N ASN A 86 6.48 18.91 0.96
CA ASN A 86 6.91 19.96 1.86
C ASN A 86 7.72 21.04 1.15
N ARG A 87 8.41 20.69 0.07
CA ARG A 87 9.20 21.64 -0.71
C ARG A 87 8.97 21.40 -2.19
N ILE A 88 9.09 22.45 -2.99
CA ILE A 88 8.82 22.34 -4.42
C ILE A 88 10.00 22.84 -5.23
N THR A 89 11.20 22.80 -4.65
CA THR A 89 12.37 23.37 -5.31
C THR A 89 13.17 22.36 -6.13
N ASP A 90 12.94 21.06 -5.95
CA ASP A 90 13.68 20.04 -6.69
C ASP A 90 12.79 19.46 -7.77
N ILE A 91 13.24 19.54 -9.02
CA ILE A 91 12.41 19.03 -10.10
C ILE A 91 12.27 17.51 -9.99
N GLY A 92 13.28 16.84 -9.44
CA GLY A 92 13.17 15.39 -9.27
C GLY A 92 12.09 14.99 -8.28
N GLU A 93 12.03 15.69 -7.13
CA GLU A 93 10.99 15.38 -6.14
C GLU A 93 9.61 15.68 -6.69
N VAL A 94 9.46 16.83 -7.37
CA VAL A 94 8.16 17.20 -7.92
C VAL A 94 7.73 16.19 -8.98
N SER A 95 8.65 15.81 -9.87
CA SER A 95 8.30 14.85 -10.92
CA SER A 95 8.31 14.85 -10.92
C SER A 95 7.94 13.50 -10.33
N GLN A 96 8.71 13.03 -9.34
CA GLN A 96 8.41 11.75 -8.70
C GLN A 96 7.06 11.80 -7.97
N PHE A 97 6.79 12.90 -7.27
CA PHE A 97 5.52 13.08 -6.57
C PHE A 97 4.34 13.02 -7.53
N LEU A 98 4.43 13.71 -8.67
CA LEU A 98 3.37 13.66 -9.66
C LEU A 98 3.27 12.27 -10.30
N THR A 99 4.41 11.63 -10.55
CA THR A 99 4.41 10.31 -11.16
C THR A 99 3.71 9.29 -10.26
N GLU A 100 3.90 9.39 -8.94
CA GLU A 100 3.17 8.51 -8.01
C GLU A 100 1.67 8.60 -8.24
N GLY A 101 1.15 9.83 -8.37
CA GLY A 101 -0.27 9.97 -8.62
C GLY A 101 -0.69 9.42 -9.97
N ILE A 102 0.11 9.66 -11.01
CA ILE A 102 -0.24 9.19 -12.35
C ILE A 102 -0.23 7.67 -12.42
N ILE A 103 0.73 7.03 -11.73
CA ILE A 103 0.79 5.57 -11.70
C ILE A 103 -0.54 4.98 -11.26
N MET A 104 -1.23 5.66 -10.34
CA MET A 104 -2.49 5.21 -9.76
C MET A 104 -3.70 5.42 -10.65
N LYS A 105 -3.60 6.30 -11.65
CA LYS A 105 -4.80 6.95 -12.18
C LYS A 105 -5.78 5.95 -12.79
N ASP A 106 -5.28 4.85 -13.35
CA ASP A 106 -6.16 3.88 -14.00
C ASP A 106 -6.47 2.68 -13.11
N PHE A 107 -6.05 2.69 -11.85
CA PHE A 107 -6.42 1.61 -10.93
C PHE A 107 -7.91 1.71 -10.63
N SER A 108 -8.68 0.72 -11.07
CA SER A 108 -10.12 0.70 -10.84
C SER A 108 -10.49 -0.71 -10.35
N HIS A 109 -10.44 -0.90 -9.03
CA HIS A 109 -10.75 -2.20 -8.45
C HIS A 109 -11.16 -1.95 -7.00
N PRO A 110 -12.13 -2.69 -6.47
CA PRO A 110 -12.59 -2.39 -5.10
C PRO A 110 -11.54 -2.64 -4.03
N ASN A 111 -10.48 -3.38 -4.32
CA ASN A 111 -9.44 -3.64 -3.33
C ASN A 111 -8.13 -2.92 -3.66
N VAL A 112 -8.19 -1.84 -4.45
CA VAL A 112 -7.03 -1.02 -4.75
C VAL A 112 -7.44 0.44 -4.56
N LEU A 113 -6.64 1.21 -3.83
CA LEU A 113 -6.95 2.62 -3.63
C LEU A 113 -7.00 3.36 -4.97
N SER A 114 -7.98 4.23 -5.13
CA SER A 114 -8.18 4.99 -6.34
C SER A 114 -7.74 6.45 -6.15
N LEU A 115 -7.59 7.14 -7.27
CA LEU A 115 -7.14 8.53 -7.29
C LEU A 115 -8.33 9.43 -7.62
N LEU A 116 -8.61 10.40 -6.75
CA LEU A 116 -9.67 11.35 -7.09
C LEU A 116 -9.16 12.38 -8.10
N GLY A 117 -7.89 12.74 -8.01
CA GLY A 117 -7.32 13.65 -8.98
C GLY A 117 -6.12 14.36 -8.39
N ILE A 118 -5.59 15.29 -9.18
CA ILE A 118 -4.42 16.06 -8.82
C ILE A 118 -4.76 17.54 -8.99
N CYS A 119 -4.56 18.31 -7.93
CA CYS A 119 -4.85 19.75 -7.96
C CYS A 119 -3.54 20.50 -8.16
N LEU A 120 -3.43 21.18 -9.31
CA LEU A 120 -2.32 22.09 -9.58
C LEU A 120 -2.72 23.49 -9.11
N ARG A 121 -1.93 24.08 -8.23
CA ARG A 121 -2.22 25.41 -7.70
C ARG A 121 -1.20 26.43 -8.18
N SER A 122 -1.61 27.70 -8.15
CA SER A 122 -0.73 28.79 -8.56
C SER A 122 0.52 28.85 -7.70
N GLU A 123 0.37 28.64 -6.39
CA GLU A 123 1.48 28.68 -5.46
C GLU A 123 1.47 27.40 -4.64
N GLY A 124 2.66 26.91 -4.33
CA GLY A 124 2.79 25.77 -3.45
C GLY A 124 2.76 24.44 -4.17
N SER A 125 2.72 23.39 -3.36
CA SER A 125 2.84 22.04 -3.87
C SER A 125 1.60 21.66 -4.68
N PRO A 126 1.78 20.87 -5.74
CA PRO A 126 0.64 20.14 -6.29
C PRO A 126 0.09 19.20 -5.23
N LEU A 127 -1.18 18.87 -5.37
CA LEU A 127 -1.90 18.09 -4.36
C LEU A 127 -2.45 16.83 -4.99
N VAL A 128 -2.13 15.68 -4.37
CA VAL A 128 -2.69 14.39 -4.78
C VAL A 128 -3.87 14.10 -3.85
N VAL A 129 -5.04 13.87 -4.44
CA VAL A 129 -6.30 13.81 -3.71
C VAL A 129 -6.80 12.38 -3.76
N LEU A 130 -7.00 11.78 -2.59
CA LEU A 130 -7.40 10.40 -2.43
C LEU A 130 -8.71 10.31 -1.66
N PRO A 131 -9.56 9.33 -1.93
CA PRO A 131 -10.77 9.15 -1.13
C PRO A 131 -10.38 8.83 0.31
N TYR A 132 -11.09 9.44 1.26
CA TYR A 132 -10.72 9.30 2.66
C TYR A 132 -11.03 7.89 3.15
N MET A 133 -10.07 7.30 3.86
CA MET A 133 -10.18 5.93 4.37
C MET A 133 -10.41 6.02 5.88
N LYS A 134 -11.65 5.76 6.30
CA LYS A 134 -12.04 6.03 7.69
C LYS A 134 -11.12 5.33 8.68
N HIS A 135 -10.69 4.10 8.39
CA HIS A 135 -10.02 3.30 9.40
C HIS A 135 -8.50 3.22 9.20
N GLY A 136 -7.93 4.12 8.40
CA GLY A 136 -6.48 4.23 8.32
C GLY A 136 -5.84 3.02 7.67
N ASP A 137 -4.61 2.71 8.09
CA ASP A 137 -3.89 1.59 7.53
C ASP A 137 -4.23 0.30 8.26
N LEU A 138 -4.10 -0.81 7.53
CA LEU A 138 -4.50 -2.12 8.04
C LEU A 138 -3.65 -2.56 9.23
N ARG A 139 -2.37 -2.20 9.26
CA ARG A 139 -1.52 -2.66 10.37
C ARG A 139 -1.96 -2.02 11.68
N ASN A 140 -2.16 -0.69 11.67
CA ASN A 140 -2.63 -0.04 12.89
C ASN A 140 -4.03 -0.49 13.28
N PHE A 141 -4.87 -0.80 12.29
CA PHE A 141 -6.22 -1.26 12.59
C PHE A 141 -6.21 -2.59 13.35
N ILE A 142 -5.45 -3.57 12.85
CA ILE A 142 -5.43 -4.86 13.53
C ILE A 142 -4.64 -4.80 14.82
N ARG A 143 -3.75 -3.82 14.97
CA ARG A 143 -3.06 -3.66 16.25
C ARG A 143 -3.91 -2.97 17.30
N ASN A 144 -4.99 -2.30 16.91
CA ASN A 144 -5.77 -1.51 17.86
C ASN A 144 -6.61 -2.46 18.70
N GLU A 145 -6.29 -2.58 19.99
CA GLU A 145 -6.99 -3.52 20.87
C GLU A 145 -8.47 -3.21 21.01
N THR A 146 -8.94 -2.03 20.56
CA THR A 146 -10.36 -1.72 20.65
C THR A 146 -11.18 -2.40 19.55
N HIS A 147 -10.54 -2.87 18.48
CA HIS A 147 -11.19 -3.68 17.46
C HIS A 147 -10.97 -5.16 17.78
N ASN A 148 -11.94 -6.00 17.40
CA ASN A 148 -11.87 -7.44 17.65
C ASN A 148 -12.23 -8.23 16.39
N PRO A 149 -11.42 -8.15 15.35
CA PRO A 149 -11.65 -8.99 14.18
C PRO A 149 -11.46 -10.46 14.52
N THR A 150 -12.36 -11.30 14.02
CA THR A 150 -12.22 -12.74 14.21
C THR A 150 -11.11 -13.26 13.29
N VAL A 151 -10.75 -14.53 13.49
CA VAL A 151 -9.84 -15.19 12.54
C VAL A 151 -10.40 -15.10 11.12
N LYS A 152 -11.69 -15.37 10.97
CA LYS A 152 -12.30 -15.28 9.64
C LYS A 152 -12.18 -13.87 9.07
N ASP A 153 -12.41 -12.84 9.90
CA ASP A 153 -12.27 -11.46 9.44
C ASP A 153 -10.86 -11.20 8.92
N LEU A 154 -9.86 -11.65 9.67
CA LEU A 154 -8.47 -11.40 9.29
C LEU A 154 -8.13 -12.13 7.99
N ILE A 155 -8.57 -13.38 7.87
CA ILE A 155 -8.37 -14.09 6.60
C ILE A 155 -9.09 -13.35 5.49
N GLY A 156 -10.29 -12.83 5.76
CA GLY A 156 -11.00 -12.02 4.78
C GLY A 156 -10.21 -10.81 4.34
N PHE A 157 -9.53 -10.13 5.28
CA PHE A 157 -8.66 -9.02 4.90
C PHE A 157 -7.56 -9.49 3.97
N GLY A 158 -6.97 -10.65 4.26
CA GLY A 158 -5.92 -11.16 3.39
C GLY A 158 -6.45 -11.54 2.02
N LEU A 159 -7.66 -12.12 1.98
CA LEU A 159 -8.29 -12.42 0.70
C LEU A 159 -8.49 -11.16 -0.14
N GLN A 160 -8.93 -10.07 0.51
CA GLN A 160 -9.14 -8.82 -0.22
C GLN A 160 -7.84 -8.28 -0.79
N VAL A 161 -6.76 -8.34 -0.01
CA VAL A 161 -5.45 -7.93 -0.52
C VAL A 161 -5.07 -8.78 -1.72
N ALA A 162 -5.27 -10.10 -1.62
CA ALA A 162 -4.95 -10.99 -2.73
C ALA A 162 -5.75 -10.62 -3.98
N LYS A 163 -7.01 -10.23 -3.80
CA LYS A 163 -7.82 -9.82 -4.95
C LYS A 163 -7.30 -8.54 -5.57
N GLY A 164 -6.90 -7.57 -4.74
CA GLY A 164 -6.30 -6.37 -5.26
C GLY A 164 -4.99 -6.64 -5.98
N MET A 165 -4.16 -7.51 -5.42
CA MET A 165 -2.90 -7.86 -6.07
C MET A 165 -3.14 -8.67 -7.34
N LYS A 166 -4.17 -9.53 -7.36
CA LYS A 166 -4.51 -10.25 -8.59
C LYS A 166 -4.84 -9.27 -9.70
N TYR A 167 -5.59 -8.21 -9.38
CA TYR A 167 -5.89 -7.17 -10.35
C TYR A 167 -4.62 -6.46 -10.82
N LEU A 168 -3.79 -6.01 -9.86
CA LEU A 168 -2.57 -5.29 -10.22
C LEU A 168 -1.63 -6.16 -11.05
N ALA A 169 -1.49 -7.43 -10.66
CA ALA A 169 -0.63 -8.34 -11.42
C ALA A 169 -1.15 -8.52 -12.84
N SER A 170 -2.47 -8.49 -13.03
CA SER A 170 -3.02 -8.60 -14.37
C SER A 170 -2.67 -7.39 -15.23
N LYS A 171 -2.38 -6.25 -14.61
CA LYS A 171 -1.92 -5.07 -15.33
C LYS A 171 -0.39 -5.03 -15.45
N LYS A 172 0.28 -6.11 -15.03
CA LYS A 172 1.75 -6.19 -15.01
C LYS A 172 2.35 -5.09 -14.14
N PHE A 173 1.65 -4.70 -13.09
CA PHE A 173 2.15 -3.73 -12.13
C PHE A 173 2.81 -4.46 -10.95
N VAL A 174 4.06 -4.11 -10.66
CA VAL A 174 4.79 -4.68 -9.53
C VAL A 174 4.76 -3.67 -8.39
N HIS A 175 4.26 -4.10 -7.23
CA HIS A 175 4.01 -3.16 -6.15
C HIS A 175 5.31 -2.69 -5.49
N ARG A 176 6.14 -3.64 -5.05
CA ARG A 176 7.49 -3.49 -4.50
C ARG A 176 7.48 -3.14 -3.00
N ASP A 177 6.37 -2.75 -2.41
CA ASP A 177 6.35 -2.51 -0.97
C ASP A 177 5.02 -2.96 -0.39
N LEU A 178 4.60 -4.18 -0.73
CA LEU A 178 3.36 -4.69 -0.18
C LEU A 178 3.57 -5.04 1.30
N ALA A 179 2.70 -4.54 2.15
CA ALA A 179 2.78 -4.71 3.60
C ALA A 179 1.50 -4.16 4.20
N ALA A 180 1.16 -4.62 5.40
CA ALA A 180 -0.09 -4.19 6.01
C ALA A 180 -0.11 -2.68 6.21
N ARG A 181 1.06 -2.06 6.49
CA ARG A 181 1.12 -0.62 6.69
C ARG A 181 0.71 0.16 5.44
N ASN A 182 0.79 -0.45 4.27
CA ASN A 182 0.46 0.23 3.01
C ASN A 182 -0.94 -0.10 2.50
N CYS A 183 -1.71 -0.88 3.23
CA CYS A 183 -3.09 -1.16 2.87
C CYS A 183 -4.02 -0.31 3.71
N MET A 184 -5.04 0.25 3.08
CA MET A 184 -6.00 1.12 3.77
C MET A 184 -7.31 0.39 3.97
N LEU A 185 -8.12 0.91 4.89
CA LEU A 185 -9.40 0.31 5.25
C LEU A 185 -10.45 1.42 5.24
N ASP A 186 -11.50 1.25 4.46
CA ASP A 186 -12.54 2.27 4.37
C ASP A 186 -13.63 2.00 5.40
N GLU A 187 -14.70 2.81 5.36
CA GLU A 187 -15.73 2.77 6.40
C GLU A 187 -16.55 1.48 6.38
N LYS A 188 -16.49 0.72 5.28
CA LYS A 188 -17.13 -0.59 5.19
C LYS A 188 -16.15 -1.72 5.49
N PHE A 189 -14.95 -1.39 5.97
CA PHE A 189 -13.89 -2.37 6.19
C PHE A 189 -13.50 -3.08 4.90
N THR A 190 -13.60 -2.37 3.78
CA THR A 190 -13.01 -2.82 2.53
C THR A 190 -11.52 -2.46 2.54
N VAL A 191 -10.68 -3.45 2.25
CA VAL A 191 -9.24 -3.23 2.20
C VAL A 191 -8.87 -2.69 0.83
N LYS A 192 -8.06 -1.63 0.81
CA LYS A 192 -7.57 -1.02 -0.42
C LYS A 192 -6.04 -1.08 -0.42
N VAL A 193 -5.47 -1.85 -1.36
CA VAL A 193 -4.02 -1.87 -1.53
C VAL A 193 -3.56 -0.49 -1.96
N ALA A 194 -2.50 0.00 -1.32
CA ALA A 194 -1.99 1.34 -1.60
C ALA A 194 -0.48 1.37 -1.35
N ASP A 195 0.10 2.57 -1.40
CA ASP A 195 1.52 2.76 -1.12
C ASP A 195 1.72 4.21 -0.70
N PHE A 196 2.08 4.43 0.57
CA PHE A 196 2.26 5.81 1.02
C PHE A 196 3.34 6.54 0.25
N GLY A 197 4.26 5.81 -0.39
CA GLY A 197 5.24 6.45 -1.27
C GLY A 197 6.12 7.42 -0.51
N LEU A 198 6.24 8.64 -1.06
CA LEU A 198 7.05 9.70 -0.45
C LEU A 198 6.61 10.01 0.98
N ALA A 199 5.39 9.65 1.36
CA ALA A 199 4.88 9.87 2.71
C ALA A 199 4.96 8.61 3.57
N ARG A 200 5.83 7.67 3.21
CA ARG A 200 5.93 6.41 3.96
C ARG A 200 6.57 6.59 5.32
N ASP A 201 7.35 7.67 5.52
CA ASP A 201 8.04 7.92 6.78
C ASP A 201 7.17 8.64 7.79
N MET A 202 5.87 8.82 7.52
CA MET A 202 4.98 9.44 8.50
C MET A 202 4.73 8.48 9.66
N GLU A 206 9.82 -1.46 8.97
CA GLU A 206 10.74 -0.34 8.77
C GLU A 206 11.54 -0.52 7.49
N TYR A 207 12.35 0.50 7.17
CA TYR A 207 13.08 0.54 5.90
C TYR A 207 14.57 0.73 6.17
N TYR A 208 15.38 -0.24 5.75
CA TYR A 208 16.83 -0.06 5.73
C TYR A 208 17.43 -0.85 4.57
N ALA A 216 17.41 4.51 -1.20
CA ALA A 216 17.68 3.08 -1.10
C ALA A 216 17.33 2.55 0.29
N LYS A 217 16.20 3.00 0.83
CA LYS A 217 15.67 2.49 2.08
C LYS A 217 14.68 1.38 1.73
N LEU A 218 15.01 0.14 2.11
CA LEU A 218 14.27 -1.02 1.63
C LEU A 218 13.55 -1.72 2.76
N PRO A 219 12.31 -2.18 2.53
CA PRO A 219 11.57 -2.95 3.56
C PRO A 219 12.04 -4.40 3.60
N VAL A 220 13.26 -4.60 4.12
CA VAL A 220 13.95 -5.87 3.90
C VAL A 220 13.21 -7.04 4.53
N LYS A 221 12.46 -6.80 5.61
CA LYS A 221 11.77 -7.91 6.26
C LYS A 221 10.52 -8.36 5.50
N TRP A 222 10.14 -7.64 4.45
CA TRP A 222 9.08 -8.07 3.55
C TRP A 222 9.61 -8.56 2.20
N MET A 223 10.91 -8.51 1.98
CA MET A 223 11.49 -8.72 0.66
C MET A 223 11.85 -10.18 0.40
N ALA A 224 11.62 -10.62 -0.83
CA ALA A 224 12.04 -11.94 -1.25
C ALA A 224 13.55 -12.07 -1.22
N LEU A 225 14.01 -13.31 -1.01
CA LEU A 225 15.44 -13.60 -0.95
C LEU A 225 16.19 -13.07 -2.17
N GLU A 226 15.65 -13.27 -3.37
CA GLU A 226 16.35 -12.81 -4.58
C GLU A 226 16.39 -11.28 -4.65
N SER A 227 15.38 -10.59 -4.10
CA SER A 227 15.40 -9.13 -4.08
C SER A 227 16.39 -8.60 -3.07
N LEU A 228 16.54 -9.29 -1.92
CA LEU A 228 17.58 -8.91 -0.98
C LEU A 228 18.96 -8.97 -1.64
N GLN A 229 19.14 -9.87 -2.59
CA GLN A 229 20.45 -10.07 -3.19
C GLN A 229 20.65 -9.23 -4.45
N THR A 230 19.58 -8.87 -5.16
CA THR A 230 19.70 -8.12 -6.42
C THR A 230 18.98 -6.78 -6.41
N GLN A 231 18.12 -6.52 -5.42
CA GLN A 231 17.29 -5.31 -5.35
C GLN A 231 16.41 -5.13 -6.58
N LYS A 232 16.11 -6.21 -7.30
CA LYS A 232 15.11 -6.23 -8.36
C LYS A 232 13.82 -6.87 -7.82
N PHE A 233 12.68 -6.40 -8.35
CA PHE A 233 11.37 -6.82 -7.86
C PHE A 233 10.50 -7.32 -9.00
N THR A 234 9.66 -8.31 -8.71
CA THR A 234 8.74 -8.90 -9.69
C THR A 234 7.42 -9.17 -9.01
N THR A 235 6.42 -9.59 -9.79
CA THR A 235 5.18 -10.02 -9.16
C THR A 235 5.42 -11.19 -8.22
N LYS A 236 6.40 -12.06 -8.53
CA LYS A 236 6.68 -13.17 -7.64
C LYS A 236 7.36 -12.72 -6.35
N SER A 237 8.05 -11.56 -6.35
CA SER A 237 8.54 -11.07 -5.07
C SER A 237 7.44 -10.33 -4.31
N ASP A 238 6.45 -9.77 -5.00
CA ASP A 238 5.25 -9.30 -4.32
C ASP A 238 4.54 -10.46 -3.60
N VAL A 239 4.58 -11.67 -4.18
CA VAL A 239 3.95 -12.81 -3.56
C VAL A 239 4.63 -13.16 -2.23
N TRP A 240 5.96 -13.06 -2.19
CA TRP A 240 6.66 -13.25 -0.92
C TRP A 240 6.19 -12.23 0.11
N SER A 241 6.18 -10.95 -0.28
CA SER A 241 5.69 -9.90 0.61
C SER A 241 4.27 -10.18 1.08
N PHE A 242 3.42 -10.71 0.18
CA PHE A 242 2.05 -11.03 0.57
C PHE A 242 2.03 -12.09 1.67
N GLY A 243 2.90 -13.09 1.57
CA GLY A 243 3.00 -14.08 2.63
C GLY A 243 3.35 -13.45 3.97
N VAL A 244 4.24 -12.46 3.97
CA VAL A 244 4.56 -11.76 5.21
C VAL A 244 3.35 -10.98 5.70
N LEU A 245 2.63 -10.35 4.77
CA LEU A 245 1.40 -9.64 5.14
C LEU A 245 0.39 -10.58 5.78
N LEU A 246 0.26 -11.82 5.26
CA LEU A 246 -0.63 -12.79 5.90
C LEU A 246 -0.18 -13.07 7.33
N TRP A 247 1.13 -13.19 7.54
CA TRP A 247 1.65 -13.41 8.88
C TRP A 247 1.34 -12.20 9.78
N GLU A 248 1.45 -10.98 9.24
CA GLU A 248 1.02 -9.80 10.00
C GLU A 248 -0.43 -9.92 10.41
N LEU A 249 -1.31 -10.35 9.49
CA LEU A 249 -2.72 -10.46 9.80
C LEU A 249 -2.97 -11.47 10.92
N MET A 250 -2.36 -12.65 10.83
CA MET A 250 -2.61 -13.71 11.79
C MET A 250 -1.98 -13.44 13.16
N THR A 251 -1.03 -12.51 13.25
CA THR A 251 -0.49 -12.06 14.52
C THR A 251 -1.09 -10.74 14.98
N ARG A 252 -2.08 -10.22 14.27
CA ARG A 252 -2.66 -8.90 14.55
C ARG A 252 -1.56 -7.82 14.64
N GLY A 253 -0.64 -7.86 13.68
CA GLY A 253 0.27 -6.75 13.48
C GLY A 253 1.58 -6.83 14.23
N ALA A 254 2.04 -8.02 14.57
CA ALA A 254 3.34 -8.15 15.21
C ALA A 254 4.44 -7.79 14.20
N PRO A 255 5.57 -7.25 14.67
CA PRO A 255 6.69 -7.01 13.77
C PRO A 255 7.35 -8.33 13.38
N PRO A 256 7.59 -8.58 12.10
CA PRO A 256 8.25 -9.83 11.72
C PRO A 256 9.72 -9.81 12.08
N TYR A 257 10.25 -10.98 12.44
CA TYR A 257 11.65 -11.16 12.82
C TYR A 257 12.12 -10.10 13.83
N PRO A 258 11.46 -9.98 14.98
CA PRO A 258 11.77 -8.85 15.89
C PRO A 258 13.19 -8.88 16.43
N ASP A 259 13.83 -10.05 16.52
CA ASP A 259 15.16 -10.17 17.11
C ASP A 259 16.25 -10.24 16.04
N VAL A 260 15.95 -9.89 14.80
CA VAL A 260 16.90 -9.98 13.69
C VAL A 260 17.31 -8.57 13.28
N ASN A 261 18.61 -8.32 13.29
CA ASN A 261 19.13 -7.05 12.78
C ASN A 261 18.79 -6.90 11.30
N THR A 262 18.42 -5.69 10.92
CA THR A 262 17.91 -5.43 9.57
C THR A 262 18.91 -5.86 8.50
N PHE A 263 20.20 -5.63 8.73
CA PHE A 263 21.22 -6.00 7.75
C PHE A 263 21.56 -7.49 7.78
N ASP A 264 21.04 -8.24 8.75
CA ASP A 264 21.33 -9.66 8.86
C ASP A 264 20.20 -10.55 8.34
N ILE A 265 19.14 -9.97 7.75
CA ILE A 265 17.96 -10.78 7.43
C ILE A 265 18.30 -11.81 6.34
N THR A 266 19.17 -11.45 5.40
CA THR A 266 19.54 -12.40 4.35
C THR A 266 20.26 -13.60 4.96
N VAL A 267 21.24 -13.35 5.82
CA VAL A 267 21.95 -14.44 6.51
C VAL A 267 20.97 -15.27 7.33
N TYR A 268 20.07 -14.61 8.05
CA TYR A 268 19.08 -15.31 8.86
C TYR A 268 18.24 -16.28 8.01
N LEU A 269 17.65 -15.77 6.92
CA LEU A 269 16.84 -16.62 6.05
C LEU A 269 17.66 -17.75 5.46
N LEU A 270 18.87 -17.44 4.99
CA LEU A 270 19.70 -18.46 4.35
C LEU A 270 20.18 -19.52 5.32
N GLN A 271 20.02 -19.32 6.63
CA GLN A 271 20.30 -20.42 7.56
C GLN A 271 19.23 -21.50 7.49
N GLY A 272 18.13 -21.25 6.78
CA GLY A 272 17.06 -22.22 6.63
C GLY A 272 15.83 -21.91 7.46
N ARG A 273 15.45 -20.64 7.52
CA ARG A 273 14.43 -20.17 8.46
C ARG A 273 13.31 -19.46 7.73
N ARG A 274 12.13 -19.50 8.35
CA ARG A 274 10.95 -18.74 7.94
C ARG A 274 10.26 -18.26 9.21
N LEU A 275 9.39 -17.27 9.05
CA LEU A 275 8.53 -16.85 10.15
C LEU A 275 7.73 -18.06 10.67
N LEU A 276 7.52 -18.10 11.99
CA LEU A 276 6.83 -19.22 12.63
C LEU A 276 5.32 -19.12 12.43
N GLN A 277 4.66 -20.27 12.52
CA GLN A 277 3.20 -20.29 12.38
C GLN A 277 2.54 -19.61 13.57
N PRO A 278 1.77 -18.55 13.37
CA PRO A 278 1.04 -17.94 14.49
C PRO A 278 0.01 -18.91 15.07
N GLU A 279 -0.27 -18.73 16.37
CA GLU A 279 -1.09 -19.70 17.09
C GLU A 279 -2.49 -19.85 16.50
N TYR A 280 -3.08 -18.77 16.00
CA TYR A 280 -4.42 -18.87 15.44
C TYR A 280 -4.43 -18.92 13.92
N CYS A 281 -3.28 -19.10 13.30
CA CYS A 281 -3.21 -19.27 11.85
C CYS A 281 -3.56 -20.71 11.49
N PRO A 282 -4.59 -20.95 10.69
CA PRO A 282 -4.91 -22.34 10.30
C PRO A 282 -3.75 -22.96 9.53
N ASP A 283 -3.57 -24.27 9.71
CA ASP A 283 -2.53 -25.00 9.00
C ASP A 283 -2.53 -24.76 7.49
N PRO A 284 -3.66 -24.84 6.77
CA PRO A 284 -3.60 -24.58 5.33
C PRO A 284 -3.15 -23.18 4.98
N LEU A 285 -3.42 -22.18 5.84
CA LEU A 285 -2.95 -20.83 5.56
C LEU A 285 -1.45 -20.72 5.79
N TYR A 286 -0.91 -21.43 6.80
CA TYR A 286 0.54 -21.42 6.97
C TYR A 286 1.22 -22.11 5.79
N GLU A 287 0.61 -23.19 5.27
CA GLU A 287 1.12 -23.84 4.07
C GLU A 287 1.16 -22.85 2.90
N VAL A 288 0.11 -22.03 2.77
CA VAL A 288 0.12 -20.97 1.76
C VAL A 288 1.27 -20.01 1.99
N MET A 289 1.49 -19.61 3.24
CA MET A 289 2.62 -18.72 3.54
C MET A 289 3.94 -19.35 3.09
N LEU A 290 4.15 -20.63 3.43
CA LEU A 290 5.39 -21.30 3.05
C LEU A 290 5.57 -21.37 1.54
N LYS A 291 4.47 -21.54 0.80
CA LYS A 291 4.53 -21.49 -0.66
C LYS A 291 4.89 -20.10 -1.16
N CYS A 292 4.36 -19.05 -0.51
CA CYS A 292 4.70 -17.68 -0.88
C CYS A 292 6.18 -17.40 -0.66
N TRP A 293 6.82 -18.12 0.25
CA TRP A 293 8.24 -17.94 0.55
C TRP A 293 9.11 -19.00 -0.11
N HIS A 294 8.60 -19.65 -1.17
CA HIS A 294 9.37 -20.65 -1.88
C HIS A 294 10.72 -20.07 -2.28
N PRO A 295 11.82 -20.80 -2.10
CA PRO A 295 13.13 -20.25 -2.50
C PRO A 295 13.23 -19.93 -3.97
N LYS A 296 12.45 -20.58 -4.84
CA LYS A 296 12.42 -20.29 -6.26
C LYS A 296 11.22 -19.40 -6.57
N ALA A 297 11.48 -18.16 -7.00
CA ALA A 297 10.40 -17.23 -7.33
C ALA A 297 9.38 -17.87 -8.26
N GLU A 298 9.86 -18.57 -9.29
CA GLU A 298 8.97 -19.13 -10.30
C GLU A 298 8.01 -20.17 -9.73
N MET A 299 8.31 -20.74 -8.56
CA MET A 299 7.45 -21.76 -7.94
C MET A 299 6.45 -21.18 -6.95
N ARG A 300 6.52 -19.88 -6.67
CA ARG A 300 5.54 -19.29 -5.76
C ARG A 300 4.19 -19.15 -6.48
N PRO A 301 3.08 -19.33 -5.78
CA PRO A 301 1.77 -19.27 -6.45
C PRO A 301 1.46 -17.87 -6.96
N SER A 302 0.74 -17.83 -8.08
CA SER A 302 0.24 -16.56 -8.61
C SER A 302 -0.81 -15.98 -7.66
N PHE A 303 -1.08 -14.69 -7.82
CA PHE A 303 -2.14 -14.10 -7.02
C PHE A 303 -3.50 -14.66 -7.39
N SER A 304 -3.69 -15.08 -8.65
CA SER A 304 -4.91 -15.79 -9.00
C SER A 304 -5.07 -17.06 -8.18
N GLU A 305 -4.01 -17.86 -8.07
CA GLU A 305 -4.08 -19.08 -7.27
C GLU A 305 -4.30 -18.76 -5.80
N LEU A 306 -3.68 -17.68 -5.31
CA LEU A 306 -3.83 -17.32 -3.90
C LEU A 306 -5.26 -16.91 -3.59
N VAL A 307 -5.90 -16.13 -4.47
CA VAL A 307 -7.31 -15.78 -4.30
C VAL A 307 -8.15 -17.04 -4.19
N SER A 308 -7.93 -17.99 -5.10
CA SER A 308 -8.72 -19.23 -5.08
C SER A 308 -8.49 -20.00 -3.80
N ARG A 309 -7.21 -20.21 -3.43
CA ARG A 309 -6.92 -21.01 -2.24
C ARG A 309 -7.43 -20.35 -0.98
N ILE A 310 -7.25 -19.03 -0.85
CA ILE A 310 -7.67 -18.35 0.37
C ILE A 310 -9.20 -18.24 0.43
N SER A 311 -9.86 -18.08 -0.73
CA SER A 311 -11.33 -18.11 -0.75
C SER A 311 -11.85 -19.40 -0.12
N ALA A 312 -11.22 -20.53 -0.43
CA ALA A 312 -11.66 -21.81 0.11
C ALA A 312 -11.44 -21.89 1.61
N ILE A 313 -10.26 -21.49 2.08
CA ILE A 313 -9.96 -21.51 3.52
C ILE A 313 -10.94 -20.61 4.26
N PHE A 314 -11.11 -19.38 3.77
CA PHE A 314 -12.09 -18.44 4.31
C PHE A 314 -13.46 -19.07 4.44
N SER A 315 -13.92 -19.77 3.39
CA SER A 315 -15.27 -20.32 3.41
C SER A 315 -15.47 -21.41 4.46
N THR A 316 -14.40 -21.99 5.01
CA THR A 316 -14.61 -23.03 6.01
C THR A 316 -15.00 -22.48 7.38
N PHE A 317 -14.89 -21.17 7.59
CA PHE A 317 -15.20 -20.54 8.86
C PHE A 317 -16.65 -20.06 8.89
N ILE A 318 -17.36 -20.40 9.97
CA ILE A 318 -18.69 -19.86 10.18
C ILE A 318 -18.62 -18.38 10.51
N GLY A 319 -17.66 -18.00 11.34
CA GLY A 319 -17.48 -16.62 11.74
C GLY A 319 -16.16 -16.42 12.43
N1 5I9 B . -7.18 8.22 6.16
N3 5I9 B . -1.00 6.74 -1.44
C4 5I9 B . -6.87 7.75 8.51
C5 5I9 B . -6.35 7.97 7.24
C6 5I9 B . -4.96 7.94 7.06
C7 5I9 B . -6.58 7.96 4.87
C8 5I9 B . -5.25 8.67 4.80
C10 5I9 B . -5.46 8.23 2.35
C13 5I9 B . -2.67 6.65 1.84
C15 5I9 B . -1.56 7.20 -0.21
C17 5I9 B . -2.13 8.90 1.34
C20 5I9 B . 1.52 6.97 -4.07
C21 5I9 B . -0.43 5.28 -3.74
C22 5I9 B . 0.37 7.52 -4.82
C24 5I9 B . -1.73 2.88 -4.96
C26 5I9 B . -1.16 0.64 -5.48
C28 5I9 B . 0.55 2.29 -5.39
C1 5I9 B . -4.12 7.70 8.14
C11 5I9 B . -4.66 8.41 3.45
C12 5I9 B . -2.68 7.99 2.20
C14 5I9 B . -2.12 6.26 0.64
C16 5I9 B . -1.57 8.54 0.15
C18 5I9 B . -0.27 7.43 -2.33
C19 5I9 B . 0.10 6.68 -3.57
C2 5I9 B . -4.66 7.48 9.38
C23 5I9 B . -0.40 3.26 -5.09
C25 5I9 B . -2.12 1.57 -5.17
C27 5I9 B . 0.16 0.98 -5.59
C3 5I9 B . -6.03 7.51 9.56
C9 5I9 B . -6.87 8.24 2.53
F1 5I9 B . -2.15 10.22 1.69
F2 5I9 B . -1.53 -0.64 -5.69
N2 5I9 B . -7.44 8.29 3.71
N4 5I9 B . -0.02 4.59 -4.82
O1 5I9 B . -4.37 8.16 5.83
O2 5I9 B . -3.26 8.39 3.40
O3 5I9 B . 0.09 8.59 -2.16
O4 5I9 B . -1.17 4.79 -2.90
#